data_7OBS
#
_entry.id   7OBS
#
_cell.length_a   82.612
_cell.length_b   111.816
_cell.length_c   62.713
_cell.angle_alpha   90.000
_cell.angle_beta   90.000
_cell.angle_gamma   90.000
#
_symmetry.space_group_name_H-M   'C 2 2 21'
#
loop_
_entity.id
_entity.type
_entity.pdbx_description
1 polymer '14-3-3 protein sigma'
2 polymer 'Receptor-interacting serine/threonine-protein kinase 2'
3 non-polymer 'CALCIUM ION'
4 non-polymer 'MAGNESIUM ION'
5 water water
#
loop_
_entity_poly.entity_id
_entity_poly.type
_entity_poly.pdbx_seq_one_letter_code
_entity_poly.pdbx_strand_id
1 'polypeptide(L)'
;GAMGSMERASLIQKAKLAEQAERYEDMAAFMKGAVEKGEELS(CSO)EERNLLSVAYKNVVGGQRAAWRVLSSIEQKSNE
EGSEEKGPEVREYREKVETELQGVCDTVLGLLDSHLIKEAGDAESRVFYLKMKGDYYRYLAEVATGDDKKRIIDSARSAY
QEAMDISKKEMPPTNPIRLGLALNFSVFHYEIANSPEEAISLAKTTFDEAMADLHTLSEDSYKDSTLIMQLLRDNLTLWT
ADNAGEEGGEAPQEPQS
;
A
2 'polypeptide(L)' PSLNLLQNK(SEP)M B
#
loop_
_chem_comp.id
_chem_comp.type
_chem_comp.name
_chem_comp.formula
CA non-polymer 'CALCIUM ION' 'Ca 2'
MG non-polymer 'MAGNESIUM ION' 'Mg 2'
#
# COMPACT_ATOMS: atom_id res chain seq x y z
N GLY A 1 -1.34 -6.58 24.48
CA GLY A 1 -1.94 -5.51 23.64
C GLY A 1 -3.29 -5.05 24.16
N ALA A 2 -3.62 -3.77 23.94
CA ALA A 2 -4.83 -3.22 24.51
C ALA A 2 -6.09 -3.88 23.97
N MET A 3 -6.01 -4.59 22.86
CA MET A 3 -7.16 -5.29 22.30
C MET A 3 -7.21 -6.76 22.71
N GLY A 4 -6.29 -7.20 23.58
CA GLY A 4 -6.21 -8.61 23.92
C GLY A 4 -7.43 -9.15 24.62
N SER A 5 -8.19 -8.28 25.29
CA SER A 5 -9.36 -8.74 26.04
C SER A 5 -10.64 -8.72 25.23
N MET A 6 -10.60 -8.27 23.98
CA MET A 6 -11.81 -8.16 23.17
C MET A 6 -11.92 -9.32 22.19
N GLU A 7 -13.15 -9.83 22.04
CA GLU A 7 -13.40 -10.93 21.11
C GLU A 7 -12.98 -10.56 19.69
N ARG A 8 -12.49 -11.56 18.96
CA ARG A 8 -12.13 -11.36 17.56
C ARG A 8 -13.31 -10.79 16.78
N ALA A 9 -14.50 -11.38 16.94
CA ALA A 9 -15.66 -10.93 16.17
C ALA A 9 -16.03 -9.50 16.54
N SER A 10 -15.89 -9.14 17.82
CA SER A 10 -16.20 -7.78 18.25
C SER A 10 -15.22 -6.79 17.63
N LEU A 11 -13.94 -7.16 17.55
CA LEU A 11 -12.96 -6.28 16.92
C LEU A 11 -13.30 -6.05 15.46
N ILE A 12 -13.72 -7.10 14.74
N ILE A 12 -13.73 -7.09 14.74
CA ILE A 12 -14.11 -6.94 13.35
CA ILE A 12 -14.10 -6.92 13.34
C ILE A 12 -15.34 -6.07 13.25
C ILE A 12 -15.37 -6.08 13.22
N GLN A 13 -16.35 -6.33 14.10
CA GLN A 13 -17.55 -5.50 14.10
CA GLN A 13 -17.56 -5.51 14.11
C GLN A 13 -17.21 -4.03 14.29
N LYS A 14 -16.35 -3.74 15.27
CA LYS A 14 -16.00 -2.34 15.55
C LYS A 14 -15.13 -1.74 14.46
N ALA A 15 -14.30 -2.55 13.79
CA ALA A 15 -13.56 -2.05 12.65
C ALA A 15 -14.51 -1.53 11.58
N LYS A 16 -15.62 -2.24 11.35
CA LYS A 16 -16.58 -1.80 10.34
C LYS A 16 -17.30 -0.54 10.79
N LEU A 17 -17.60 -0.43 12.09
CA LEU A 17 -18.20 0.79 12.60
C LEU A 17 -17.24 1.97 12.46
N ALA A 18 -15.96 1.74 12.77
CA ALA A 18 -14.97 2.81 12.65
C ALA A 18 -14.84 3.29 11.22
N GLU A 19 -14.88 2.37 10.26
CA GLU A 19 -14.86 2.77 8.85
C GLU A 19 -16.05 3.67 8.53
N GLN A 20 -17.25 3.28 8.99
CA GLN A 20 -18.43 4.11 8.74
C GLN A 20 -18.29 5.49 9.37
N ALA A 21 -17.62 5.59 10.51
CA ALA A 21 -17.39 6.87 11.18
C ALA A 21 -16.13 7.57 10.70
N GLU A 22 -15.42 6.98 9.73
CA GLU A 22 -14.17 7.55 9.20
C GLU A 22 -13.15 7.74 10.32
N ARG A 23 -13.14 6.79 11.26
CA ARG A 23 -12.18 6.78 12.37
C ARG A 23 -11.12 5.72 12.06
N TYR A 24 -10.19 6.06 11.17
CA TYR A 24 -9.31 5.04 10.60
C TYR A 24 -8.20 4.62 11.55
N GLU A 25 -7.79 5.51 12.45
CA GLU A 25 -6.84 5.09 13.49
C GLU A 25 -7.46 4.02 14.38
N ASP A 26 -8.70 4.24 14.82
CA ASP A 26 -9.42 3.21 15.56
C ASP A 26 -9.54 1.93 14.73
N MET A 27 -9.94 2.08 13.47
CA MET A 27 -10.12 0.92 12.60
C MET A 27 -8.83 0.09 12.52
N ALA A 28 -7.69 0.77 12.37
CA ALA A 28 -6.42 0.05 12.30
C ALA A 28 -6.13 -0.68 13.60
N ALA A 29 -6.33 -0.03 14.75
CA ALA A 29 -6.06 -0.66 16.03
C ALA A 29 -6.96 -1.88 16.24
N PHE A 30 -8.22 -1.78 15.83
CA PHE A 30 -9.13 -2.92 15.94
C PHE A 30 -8.63 -4.08 15.08
N MET A 31 -8.23 -3.80 13.84
CA MET A 31 -7.80 -4.87 12.93
C MET A 31 -6.45 -5.44 13.34
N LYS A 32 -5.55 -4.61 13.89
CA LYS A 32 -4.33 -5.14 14.47
C LYS A 32 -4.65 -6.13 15.59
N GLY A 33 -5.61 -5.79 16.45
CA GLY A 33 -6.02 -6.72 17.49
C GLY A 33 -6.59 -8.00 16.93
N ALA A 34 -7.35 -7.89 15.83
CA ALA A 34 -7.92 -9.09 15.22
C ALA A 34 -6.82 -9.98 14.66
N VAL A 35 -5.82 -9.38 13.99
CA VAL A 35 -4.72 -10.15 13.45
C VAL A 35 -3.99 -10.87 14.58
N GLU A 36 -3.80 -10.20 15.72
CA GLU A 36 -3.03 -10.75 16.81
C GLU A 36 -3.75 -11.89 17.53
N LYS A 37 -5.02 -12.13 17.21
CA LYS A 37 -5.68 -13.31 17.74
C LYS A 37 -5.08 -14.59 17.18
N GLY A 38 -4.38 -14.52 16.05
CA GLY A 38 -3.61 -15.63 15.54
C GLY A 38 -4.27 -16.45 14.45
N GLU A 39 -5.56 -16.23 14.18
CA GLU A 39 -6.24 -16.94 13.11
C GLU A 39 -6.03 -16.21 11.80
N GLU A 40 -6.07 -16.97 10.70
CA GLU A 40 -5.96 -16.39 9.37
C GLU A 40 -7.16 -15.46 9.12
N LEU A 41 -6.99 -14.56 8.16
CA LEU A 41 -8.00 -13.57 7.85
C LEU A 41 -8.76 -13.96 6.59
N SER A 42 -10.07 -13.75 6.62
CA SER A 42 -10.90 -13.93 5.44
C SER A 42 -10.63 -12.81 4.43
N CSO A 43 -11.21 -12.95 3.23
CA CSO A 43 -11.03 -11.97 2.17
CA CSO A 43 -11.01 -11.97 2.19
CB CSO A 43 -11.77 -12.42 0.91
CB CSO A 43 -11.70 -12.40 0.88
SG CSO A 43 -11.64 -11.17 -0.38
SG CSO A 43 -11.89 -11.00 -0.24
C CSO A 43 -11.52 -10.60 2.63
O CSO A 43 -10.83 -9.60 2.47
OD CSO A 43 -12.98 -10.00 -0.30
OD CSO A 43 -10.65 -11.05 -1.51
HB2 CSO A 43 -12.71 -12.56 1.12
HB2 CSO A 43 -12.58 -12.76 1.08
HB3 CSO A 43 -11.38 -13.25 0.57
HB3 CSO A 43 -11.16 -13.08 0.45
HD CSO A 43 -12.93 -9.50 0.53
HD CSO A 43 -10.61 -10.19 -1.96
N GLU A 44 -12.71 -10.57 3.23
CA GLU A 44 -13.28 -9.32 3.74
C GLU A 44 -12.41 -8.72 4.86
N GLU A 45 -11.91 -9.59 5.74
CA GLU A 45 -11.09 -9.12 6.86
C GLU A 45 -9.76 -8.57 6.37
N ARG A 46 -9.16 -9.20 5.35
CA ARG A 46 -7.94 -8.66 4.78
C ARG A 46 -8.15 -7.25 4.24
N ASN A 47 -9.29 -7.02 3.59
CA ASN A 47 -9.54 -5.71 3.02
C ASN A 47 -9.89 -4.68 4.08
N LEU A 48 -10.45 -5.09 5.22
CA LEU A 48 -10.60 -4.16 6.33
C LEU A 48 -9.24 -3.74 6.88
N LEU A 49 -8.30 -4.69 6.99
CA LEU A 49 -6.95 -4.37 7.44
C LEU A 49 -6.28 -3.37 6.50
N SER A 50 -6.38 -3.62 5.20
CA SER A 50 -5.69 -2.75 4.24
CA SER A 50 -5.70 -2.77 4.22
C SER A 50 -6.33 -1.37 4.18
N VAL A 51 -7.66 -1.31 4.20
CA VAL A 51 -8.34 -0.02 4.16
C VAL A 51 -7.90 0.83 5.34
N ALA A 52 -7.85 0.23 6.53
CA ALA A 52 -7.55 0.99 7.74
C ALA A 52 -6.16 1.61 7.65
N TYR A 53 -5.12 0.79 7.42
CA TYR A 53 -3.77 1.30 7.42
C TYR A 53 -3.49 2.16 6.18
N LYS A 54 -4.11 1.85 5.04
CA LYS A 54 -3.96 2.71 3.88
C LYS A 54 -4.39 4.14 4.19
N ASN A 55 -5.49 4.30 4.92
CA ASN A 55 -5.98 5.63 5.24
C ASN A 55 -5.09 6.31 6.28
N VAL A 56 -4.63 5.56 7.29
CA VAL A 56 -3.76 6.15 8.31
C VAL A 56 -2.47 6.64 7.67
N VAL A 57 -1.78 5.75 6.96
CA VAL A 57 -0.50 6.14 6.37
CA VAL A 57 -0.50 6.13 6.37
C VAL A 57 -0.71 7.14 5.24
N GLY A 58 -1.87 7.09 4.57
CA GLY A 58 -2.14 8.06 3.53
C GLY A 58 -2.15 9.48 4.06
N GLY A 59 -2.76 9.69 5.23
CA GLY A 59 -2.75 11.00 5.84
C GLY A 59 -1.36 11.41 6.28
N GLN A 60 -0.58 10.46 6.79
CA GLN A 60 0.78 10.78 7.21
C GLN A 60 1.65 11.13 6.02
N ARG A 61 1.51 10.39 4.91
CA ARG A 61 2.30 10.69 3.72
C ARG A 61 1.96 12.06 3.16
N ALA A 62 0.68 12.42 3.12
CA ALA A 62 0.29 13.73 2.62
C ALA A 62 0.86 14.84 3.50
N ALA A 63 0.82 14.65 4.83
CA ALA A 63 1.39 15.64 5.73
C ALA A 63 2.90 15.73 5.58
N TRP A 64 3.57 14.59 5.45
CA TRP A 64 5.02 14.58 5.25
C TRP A 64 5.39 15.36 3.99
N ARG A 65 4.61 15.22 2.92
CA ARG A 65 4.93 15.91 1.68
C ARG A 65 4.78 17.42 1.83
N VAL A 66 3.74 17.86 2.55
CA VAL A 66 3.60 19.29 2.82
C VAL A 66 4.82 19.81 3.56
N LEU A 67 5.19 19.13 4.64
CA LEU A 67 6.31 19.59 5.46
C LEU A 67 7.62 19.51 4.71
N SER A 68 7.84 18.42 3.96
CA SER A 68 9.07 18.29 3.19
C SER A 68 9.21 19.42 2.17
N SER A 69 8.10 19.82 1.56
N SER A 69 8.10 19.82 1.56
CA SER A 69 8.15 20.92 0.61
CA SER A 69 8.14 20.92 0.61
C SER A 69 8.54 22.23 1.30
C SER A 69 8.54 22.22 1.30
N ILE A 70 7.94 22.51 2.46
CA ILE A 70 8.30 23.70 3.22
C ILE A 70 9.78 23.66 3.58
N GLU A 71 10.27 22.48 3.97
CA GLU A 71 11.67 22.35 4.37
C GLU A 71 12.60 22.58 3.19
N GLN A 72 12.27 22.04 2.02
CA GLN A 72 13.10 22.26 0.83
C GLN A 72 13.14 23.73 0.46
N LYS A 73 12.00 24.41 0.52
CA LYS A 73 11.98 25.84 0.24
C LYS A 73 12.87 26.61 1.21
N SER A 74 12.86 26.21 2.48
CA SER A 74 13.67 26.91 3.48
C SER A 74 15.16 26.82 3.18
N ASN A 75 15.58 25.86 2.37
CA ASN A 75 16.98 25.65 2.07
C ASN A 75 17.38 26.15 0.68
N GLU A 76 16.52 26.93 0.04
CA GLU A 76 16.87 27.54 -1.23
C GLU A 76 17.71 28.80 -1.00
N GLU A 77 18.23 29.35 -2.09
CA GLU A 77 18.98 30.59 -2.00
C GLU A 77 18.06 31.76 -1.65
N GLY A 78 18.47 32.55 -0.68
CA GLY A 78 17.72 33.72 -0.29
C GLY A 78 16.60 33.49 0.71
N SER A 79 16.47 32.27 1.24
CA SER A 79 15.45 31.96 2.23
C SER A 79 15.94 32.34 3.62
N GLU A 80 15.11 33.07 4.36
CA GLU A 80 15.48 33.49 5.71
C GLU A 80 15.56 32.27 6.63
N GLU A 81 16.51 32.34 7.56
CA GLU A 81 16.69 31.28 8.54
C GLU A 81 15.60 31.36 9.60
N LYS A 82 14.93 30.24 9.84
CA LYS A 82 13.82 30.21 10.80
C LYS A 82 14.03 29.20 11.92
N GLY A 83 15.22 28.59 12.00
CA GLY A 83 15.51 27.69 13.09
C GLY A 83 15.21 26.24 12.76
N PRO A 84 15.30 25.38 13.78
CA PRO A 84 15.17 23.93 13.55
C PRO A 84 13.74 23.41 13.47
N GLU A 85 12.73 24.28 13.59
CA GLU A 85 11.38 23.81 13.83
C GLU A 85 10.82 23.02 12.66
N VAL A 86 11.04 23.48 11.43
CA VAL A 86 10.50 22.78 10.27
C VAL A 86 11.09 21.37 10.18
N ARG A 87 12.41 21.26 10.31
CA ARG A 87 13.03 19.94 10.28
C ARG A 87 12.52 19.07 11.42
N GLU A 88 12.42 19.64 12.62
CA GLU A 88 11.97 18.85 13.77
C GLU A 88 10.58 18.27 13.53
N TYR A 89 9.66 19.10 13.04
CA TYR A 89 8.28 18.63 12.88
C TYR A 89 8.15 17.67 11.70
N ARG A 90 8.89 17.92 10.61
CA ARG A 90 8.95 16.91 9.55
C ARG A 90 9.48 15.59 10.10
N GLU A 91 10.53 15.65 10.92
CA GLU A 91 11.06 14.44 11.53
C GLU A 91 10.03 13.75 12.42
N LYS A 92 9.24 14.53 13.16
CA LYS A 92 8.21 13.96 14.03
C LYS A 92 7.19 13.17 13.22
N VAL A 93 6.68 13.78 12.14
CA VAL A 93 5.70 13.10 11.29
C VAL A 93 6.33 11.90 10.61
N GLU A 94 7.56 12.06 10.12
CA GLU A 94 8.28 10.97 9.46
C GLU A 94 8.44 9.77 10.40
N THR A 95 8.79 10.02 11.66
CA THR A 95 8.97 8.93 12.61
C THR A 95 7.66 8.20 12.89
N GLU A 96 6.57 8.96 13.02
N GLU A 96 6.56 8.95 13.01
CA GLU A 96 5.26 8.34 13.20
CA GLU A 96 5.27 8.31 13.20
C GLU A 96 4.88 7.50 11.99
C GLU A 96 4.86 7.48 11.99
N LEU A 97 5.12 8.02 10.79
CA LEU A 97 4.85 7.27 9.57
C LEU A 97 5.65 5.97 9.52
N GLN A 98 6.95 6.06 9.83
CA GLN A 98 7.79 4.87 9.85
C GLN A 98 7.28 3.86 10.88
N GLY A 99 6.80 4.36 12.03
CA GLY A 99 6.26 3.47 13.03
C GLY A 99 5.05 2.69 12.55
N VAL A 100 4.17 3.35 11.80
CA VAL A 100 3.01 2.66 11.25
C VAL A 100 3.44 1.62 10.22
N CYS A 101 4.38 1.99 9.35
CA CYS A 101 4.89 1.04 8.37
C CYS A 101 5.51 -0.17 9.06
N ASP A 102 6.32 0.08 10.10
CA ASP A 102 6.93 -1.01 10.85
C ASP A 102 5.87 -1.91 11.47
N THR A 103 4.78 -1.31 11.97
CA THR A 103 3.71 -2.10 12.59
C THR A 103 3.06 -3.03 11.57
N VAL A 104 2.75 -2.50 10.38
CA VAL A 104 2.14 -3.33 9.35
C VAL A 104 3.09 -4.44 8.93
N LEU A 105 4.35 -4.10 8.67
CA LEU A 105 5.32 -5.10 8.27
C LEU A 105 5.51 -6.15 9.35
N GLY A 106 5.42 -5.75 10.60
CA GLY A 106 5.51 -6.70 11.70
C GLY A 106 4.36 -7.68 11.71
N LEU A 107 3.16 -7.20 11.41
CA LEU A 107 2.00 -8.09 11.33
C LEU A 107 2.17 -9.08 10.17
N LEU A 108 2.65 -8.60 9.02
CA LEU A 108 2.88 -9.49 7.88
C LEU A 108 3.92 -10.54 8.22
N ASP A 109 4.97 -10.17 8.94
CA ASP A 109 6.03 -11.12 9.28
C ASP A 109 5.67 -12.01 10.46
N SER A 110 4.67 -11.62 11.27
CA SER A 110 4.32 -12.38 12.47
C SER A 110 2.79 -12.35 12.64
N HIS A 111 2.08 -13.22 11.91
CA HIS A 111 2.65 -14.26 11.04
C HIS A 111 1.78 -14.44 9.81
N LEU A 112 1.26 -13.34 9.27
CA LEU A 112 0.26 -13.43 8.22
C LEU A 112 0.79 -14.11 6.97
N ILE A 113 1.98 -13.70 6.52
CA ILE A 113 2.48 -14.20 5.24
C ILE A 113 2.76 -15.70 5.33
N LYS A 114 3.41 -16.14 6.41
CA LYS A 114 3.83 -17.53 6.46
C LYS A 114 2.66 -18.52 6.52
N GLU A 115 1.50 -18.10 7.03
CA GLU A 115 0.35 -18.99 7.04
CA GLU A 115 0.30 -18.93 7.08
C GLU A 115 -0.56 -18.80 5.83
N ALA A 116 -0.25 -17.88 4.93
CA ALA A 116 -1.07 -17.63 3.75
C ALA A 116 -0.64 -18.54 2.62
N GLY A 117 -1.52 -19.47 2.23
CA GLY A 117 -1.19 -20.46 1.22
C GLY A 117 -1.95 -20.30 -0.08
N ASP A 118 -3.14 -19.73 -0.04
CA ASP A 118 -3.92 -19.49 -1.24
C ASP A 118 -3.37 -18.27 -1.97
N ALA A 119 -3.47 -18.31 -3.30
CA ALA A 119 -2.92 -17.23 -4.11
C ALA A 119 -3.51 -15.88 -3.72
N GLU A 120 -4.81 -15.84 -3.45
CA GLU A 120 -5.47 -14.57 -3.17
C GLU A 120 -4.93 -13.93 -1.89
N SER A 121 -4.69 -14.74 -0.86
CA SER A 121 -4.16 -14.19 0.39
C SER A 121 -2.68 -13.90 0.30
N ARG A 122 -1.92 -14.83 -0.29
CA ARG A 122 -0.46 -14.65 -0.35
C ARG A 122 -0.09 -13.45 -1.20
N VAL A 123 -0.73 -13.30 -2.36
CA VAL A 123 -0.46 -12.15 -3.22
C VAL A 123 -0.85 -10.87 -2.51
N PHE A 124 -2.01 -10.88 -1.84
CA PHE A 124 -2.48 -9.71 -1.12
C PHE A 124 -1.46 -9.25 -0.09
N TYR A 125 -0.92 -10.18 0.70
CA TYR A 125 -0.01 -9.79 1.77
C TYR A 125 1.35 -9.37 1.23
N LEU A 126 1.83 -10.03 0.16
CA LEU A 126 3.10 -9.64 -0.42
C LEU A 126 3.00 -8.27 -1.09
N LYS A 127 1.88 -7.98 -1.75
CA LYS A 127 1.64 -6.64 -2.24
C LYS A 127 1.69 -5.63 -1.10
N MET A 128 1.06 -5.96 0.03
N MET A 128 1.06 -5.95 0.03
CA MET A 128 1.08 -5.08 1.19
CA MET A 128 1.09 -5.05 1.18
C MET A 128 2.50 -4.84 1.67
C MET A 128 2.51 -4.84 1.67
N LYS A 129 3.31 -5.91 1.75
CA LYS A 129 4.71 -5.77 2.14
C LYS A 129 5.45 -4.85 1.19
N GLY A 130 5.25 -5.03 -0.11
CA GLY A 130 5.84 -4.11 -1.07
C GLY A 130 5.38 -2.68 -0.86
N ASP A 131 4.07 -2.49 -0.63
CA ASP A 131 3.54 -1.15 -0.47
C ASP A 131 4.18 -0.43 0.71
N TYR A 132 4.28 -1.09 1.85
CA TYR A 132 4.76 -0.40 3.04
C TYR A 132 6.28 -0.24 3.06
N TYR A 133 7.01 -1.10 2.36
CA TYR A 133 8.42 -0.78 2.10
C TYR A 133 8.53 0.39 1.13
N ARG A 134 7.62 0.50 0.17
CA ARG A 134 7.63 1.65 -0.73
C ARG A 134 7.41 2.94 0.03
N TYR A 135 6.47 2.95 0.98
CA TYR A 135 6.25 4.15 1.78
C TYR A 135 7.47 4.49 2.62
N LEU A 136 8.13 3.47 3.18
CA LEU A 136 9.41 3.72 3.86
C LEU A 136 10.42 4.30 2.89
N ALA A 137 10.43 3.82 1.64
CA ALA A 137 11.39 4.31 0.66
C ALA A 137 11.14 5.76 0.29
N GLU A 138 9.87 6.20 0.33
CA GLU A 138 9.55 7.56 -0.05
C GLU A 138 10.26 8.58 0.85
N VAL A 139 10.53 8.22 2.10
CA VAL A 139 11.12 9.14 3.07
C VAL A 139 12.55 8.76 3.40
N ALA A 140 13.09 7.69 2.83
CA ALA A 140 14.42 7.22 3.18
C ALA A 140 15.50 8.09 2.53
N THR A 141 16.57 8.36 3.29
CA THR A 141 17.67 9.16 2.77
C THR A 141 19.05 8.65 3.17
N GLY A 142 19.15 7.57 3.95
CA GLY A 142 20.43 7.21 4.54
C GLY A 142 21.04 5.90 4.08
N ASP A 143 21.77 5.24 5.00
CA ASP A 143 22.55 4.07 4.63
C ASP A 143 21.68 2.94 4.10
N ASP A 144 20.43 2.86 4.54
CA ASP A 144 19.58 1.72 4.25
C ASP A 144 18.59 1.98 3.12
N LYS A 145 18.70 3.12 2.45
CA LYS A 145 17.74 3.42 1.39
C LYS A 145 17.74 2.35 0.32
N LYS A 146 18.92 1.90 -0.11
CA LYS A 146 19.00 0.89 -1.16
C LYS A 146 18.41 -0.44 -0.70
N ARG A 147 18.67 -0.83 0.55
CA ARG A 147 18.10 -2.07 1.06
C ARG A 147 16.59 -1.97 1.25
N ILE A 148 16.08 -0.78 1.62
CA ILE A 148 14.64 -0.58 1.71
C ILE A 148 14.01 -0.73 0.34
N ILE A 149 14.61 -0.09 -0.67
CA ILE A 149 14.10 -0.19 -2.04
C ILE A 149 14.10 -1.64 -2.50
N ASP A 150 15.19 -2.37 -2.23
CA ASP A 150 15.24 -3.75 -2.70
C ASP A 150 14.24 -4.63 -1.96
N SER A 151 13.93 -4.31 -0.70
CA SER A 151 12.92 -5.06 0.03
C SER A 151 11.55 -4.88 -0.60
N ALA A 152 11.21 -3.65 -0.98
CA ALA A 152 9.96 -3.41 -1.71
C ALA A 152 9.96 -4.18 -3.02
N ARG A 153 11.04 -4.07 -3.79
CA ARG A 153 11.11 -4.75 -5.08
C ARG A 153 10.93 -6.25 -4.92
N SER A 154 11.61 -6.84 -3.94
CA SER A 154 11.58 -8.29 -3.78
C SER A 154 10.18 -8.78 -3.42
N ALA A 155 9.49 -8.04 -2.56
CA ALA A 155 8.13 -8.43 -2.18
C ALA A 155 7.18 -8.31 -3.36
N TYR A 156 7.26 -7.20 -4.09
CA TYR A 156 6.44 -7.04 -5.29
C TYR A 156 6.72 -8.14 -6.30
N GLN A 157 8.00 -8.50 -6.47
CA GLN A 157 8.35 -9.48 -7.48
C GLN A 157 7.79 -10.85 -7.13
N GLU A 158 7.91 -11.25 -5.85
CA GLU A 158 7.35 -12.53 -5.44
C GLU A 158 5.84 -12.54 -5.66
N ALA A 159 5.17 -11.43 -5.34
CA ALA A 159 3.73 -11.35 -5.55
C ALA A 159 3.38 -11.41 -7.03
N MET A 160 4.16 -10.72 -7.87
CA MET A 160 3.91 -10.76 -9.32
C MET A 160 4.05 -12.18 -9.85
N ASP A 161 5.12 -12.88 -9.46
CA ASP A 161 5.34 -14.24 -9.96
C ASP A 161 4.15 -15.14 -9.64
N ILE A 162 3.63 -15.05 -8.41
CA ILE A 162 2.50 -15.88 -8.01
C ILE A 162 1.25 -15.46 -8.78
N SER A 163 1.01 -14.15 -8.88
CA SER A 163 -0.23 -13.68 -9.50
C SER A 163 -0.30 -14.09 -10.96
N LYS A 164 0.83 -14.05 -11.67
CA LYS A 164 0.81 -14.44 -13.08
C LYS A 164 0.58 -15.93 -13.25
N LYS A 165 1.08 -16.75 -12.32
CA LYS A 165 0.87 -18.18 -12.43
C LYS A 165 -0.53 -18.59 -12.01
N GLU A 166 -1.11 -17.91 -11.02
CA GLU A 166 -2.27 -18.44 -10.32
C GLU A 166 -3.54 -17.63 -10.51
N MET A 167 -3.47 -16.44 -11.10
CA MET A 167 -4.64 -15.60 -11.22
C MET A 167 -4.87 -15.18 -12.66
N PRO A 168 -6.13 -14.91 -13.05
CA PRO A 168 -6.39 -14.39 -14.40
C PRO A 168 -5.94 -12.94 -14.51
N PRO A 169 -5.69 -12.46 -15.73
CA PRO A 169 -5.15 -11.10 -15.89
C PRO A 169 -6.11 -10.00 -15.42
N THR A 170 -7.38 -10.30 -15.22
CA THR A 170 -8.36 -9.32 -14.79
C THR A 170 -8.59 -9.34 -13.28
N ASN A 171 -7.96 -10.25 -12.56
CA ASN A 171 -8.14 -10.33 -11.12
CA ASN A 171 -8.14 -10.33 -11.12
C ASN A 171 -7.83 -9.00 -10.48
N PRO A 172 -8.74 -8.41 -9.71
CA PRO A 172 -8.46 -7.07 -9.14
C PRO A 172 -7.21 -7.01 -8.27
N ILE A 173 -6.88 -8.07 -7.53
CA ILE A 173 -5.65 -8.03 -6.74
C ILE A 173 -4.44 -8.02 -7.67
N ARG A 174 -4.44 -8.87 -8.70
CA ARG A 174 -3.35 -8.87 -9.67
C ARG A 174 -3.20 -7.49 -10.31
N LEU A 175 -4.31 -6.86 -10.65
CA LEU A 175 -4.25 -5.56 -11.32
C LEU A 175 -3.73 -4.49 -10.38
N GLY A 176 -4.21 -4.47 -9.13
CA GLY A 176 -3.74 -3.50 -8.17
C GLY A 176 -2.28 -3.68 -7.82
N LEU A 177 -1.83 -4.93 -7.74
CA LEU A 177 -0.41 -5.20 -7.54
C LEU A 177 0.42 -4.61 -8.68
N ALA A 178 0.01 -4.87 -9.92
CA ALA A 178 0.77 -4.36 -11.07
C ALA A 178 0.75 -2.84 -11.11
N LEU A 179 -0.41 -2.23 -10.84
CA LEU A 179 -0.48 -0.78 -10.74
C LEU A 179 0.57 -0.25 -9.77
N ASN A 180 0.63 -0.84 -8.57
CA ASN A 180 1.51 -0.30 -7.53
C ASN A 180 2.98 -0.61 -7.81
N PHE A 181 3.26 -1.81 -8.32
CA PHE A 181 4.63 -2.11 -8.75
C PHE A 181 5.09 -1.15 -9.83
N SER A 182 4.20 -0.79 -10.76
CA SER A 182 4.52 0.18 -11.79
CA SER A 182 4.54 0.18 -11.79
C SER A 182 4.83 1.54 -11.16
N VAL A 183 4.07 1.92 -10.14
CA VAL A 183 4.34 3.19 -9.46
C VAL A 183 5.68 3.11 -8.75
N PHE A 184 5.98 1.95 -8.15
CA PHE A 184 7.29 1.75 -7.54
C PHE A 184 8.39 2.01 -8.55
N HIS A 185 8.27 1.45 -9.76
CA HIS A 185 9.29 1.65 -10.78
C HIS A 185 9.42 3.12 -11.13
N TYR A 186 8.31 3.83 -11.26
CA TYR A 186 8.34 5.21 -11.71
C TYR A 186 8.86 6.15 -10.62
N GLU A 187 8.35 5.99 -9.40
CA GLU A 187 8.56 6.97 -8.36
C GLU A 187 9.75 6.66 -7.47
N ILE A 188 10.07 5.38 -7.27
CA ILE A 188 11.08 4.96 -6.32
C ILE A 188 12.35 4.50 -7.01
N ALA A 189 12.22 3.69 -8.06
CA ALA A 189 13.36 3.02 -8.67
C ALA A 189 13.93 3.77 -9.87
N ASN A 190 13.42 4.97 -10.16
CA ASN A 190 13.93 5.78 -11.26
C ASN A 190 13.93 4.99 -12.57
N SER A 191 12.85 4.23 -12.79
CA SER A 191 12.73 3.36 -13.96
C SER A 191 11.41 3.63 -14.67
N PRO A 192 11.24 4.84 -15.24
CA PRO A 192 9.95 5.15 -15.88
C PRO A 192 9.60 4.23 -17.05
N GLU A 193 10.60 3.75 -17.81
CA GLU A 193 10.31 2.86 -18.93
C GLU A 193 9.76 1.53 -18.43
N GLU A 194 10.33 0.99 -17.35
CA GLU A 194 9.76 -0.22 -16.76
C GLU A 194 8.35 0.03 -16.26
N ALA A 195 8.12 1.18 -15.61
CA ALA A 195 6.79 1.53 -15.12
C ALA A 195 5.79 1.55 -16.26
N ILE A 196 6.17 2.16 -17.39
CA ILE A 196 5.26 2.31 -18.52
C ILE A 196 4.99 0.97 -19.17
N SER A 197 6.05 0.17 -19.37
N SER A 197 6.05 0.17 -19.37
CA SER A 197 5.88 -1.13 -20.00
CA SER A 197 5.89 -1.14 -19.99
C SER A 197 4.97 -2.02 -19.17
C SER A 197 4.98 -2.03 -19.17
N LEU A 198 5.17 -2.04 -17.85
CA LEU A 198 4.35 -2.89 -17.00
C LEU A 198 2.89 -2.46 -17.04
N ALA A 199 2.63 -1.15 -16.96
CA ALA A 199 1.26 -0.67 -16.97
C ALA A 199 0.57 -1.00 -18.29
N LYS A 200 1.28 -0.84 -19.40
CA LYS A 200 0.69 -1.12 -20.70
C LYS A 200 0.35 -2.60 -20.86
N THR A 201 1.32 -3.46 -20.58
CA THR A 201 1.12 -4.90 -20.73
C THR A 201 0.01 -5.38 -19.81
N THR A 202 -0.01 -4.90 -18.57
CA THR A 202 -1.10 -5.25 -17.65
C THR A 202 -2.45 -4.82 -18.20
N PHE A 203 -2.54 -3.59 -18.69
CA PHE A 203 -3.80 -3.10 -19.25
C PHE A 203 -4.23 -3.96 -20.44
N ASP A 204 -3.31 -4.23 -21.36
CA ASP A 204 -3.67 -4.93 -22.58
C ASP A 204 -4.08 -6.37 -22.30
N GLU A 205 -3.37 -7.06 -21.40
CA GLU A 205 -3.74 -8.44 -21.09
C GLU A 205 -5.08 -8.52 -20.36
N ALA A 206 -5.41 -7.51 -19.54
CA ALA A 206 -6.71 -7.48 -18.90
C ALA A 206 -7.82 -7.21 -19.91
N MET A 207 -7.60 -6.26 -20.82
CA MET A 207 -8.57 -5.97 -21.87
C MET A 207 -9.00 -7.25 -22.59
N ALA A 208 -8.03 -8.12 -22.91
CA ALA A 208 -8.30 -9.31 -23.69
C ALA A 208 -9.00 -10.41 -22.90
N ASP A 209 -9.08 -10.26 -21.57
CA ASP A 209 -9.72 -11.23 -20.70
C ASP A 209 -11.09 -10.75 -20.22
N LEU A 210 -11.48 -9.52 -20.53
CA LEU A 210 -12.75 -8.99 -20.02
C LEU A 210 -13.94 -9.80 -20.51
N HIS A 211 -13.83 -10.44 -21.68
CA HIS A 211 -14.97 -11.14 -22.26
C HIS A 211 -15.41 -12.32 -21.41
N THR A 212 -14.55 -12.79 -20.51
CA THR A 212 -14.87 -13.94 -19.69
C THR A 212 -15.68 -13.59 -18.45
N LEU A 213 -15.90 -12.31 -18.19
CA LEU A 213 -16.35 -11.86 -16.88
C LEU A 213 -17.83 -11.53 -16.87
N SER A 214 -18.42 -11.68 -15.68
CA SER A 214 -19.76 -11.16 -15.43
C SER A 214 -19.74 -9.64 -15.44
N GLU A 215 -20.94 -9.05 -15.44
CA GLU A 215 -21.06 -7.60 -15.41
C GLU A 215 -20.43 -7.01 -14.15
N ASP A 216 -20.64 -7.66 -13.00
CA ASP A 216 -20.09 -7.14 -11.75
C ASP A 216 -18.57 -7.24 -11.74
N SER A 217 -18.01 -8.36 -12.22
CA SER A 217 -16.56 -8.51 -12.27
C SER A 217 -15.96 -7.55 -13.29
N TYR A 218 -16.63 -7.38 -14.43
CA TYR A 218 -16.22 -6.41 -15.44
C TYR A 218 -16.09 -5.01 -14.83
N LYS A 219 -17.04 -4.63 -13.98
CA LYS A 219 -16.95 -3.32 -13.33
C LYS A 219 -15.75 -3.25 -12.39
N ASP A 220 -15.53 -4.30 -11.59
CA ASP A 220 -14.40 -4.32 -10.67
C ASP A 220 -13.09 -4.15 -11.44
N SER A 221 -12.94 -4.89 -12.54
CA SER A 221 -11.66 -4.91 -13.25
C SER A 221 -11.45 -3.62 -14.03
N THR A 222 -12.47 -3.12 -14.72
CA THR A 222 -12.29 -1.93 -15.52
C THR A 222 -11.98 -0.71 -14.65
N LEU A 223 -12.48 -0.70 -13.41
CA LEU A 223 -12.17 0.40 -12.50
C LEU A 223 -10.67 0.52 -12.27
N ILE A 224 -10.00 -0.61 -12.04
CA ILE A 224 -8.56 -0.58 -11.81
C ILE A 224 -7.81 -0.37 -13.11
N MET A 225 -8.31 -0.89 -14.22
CA MET A 225 -7.69 -0.64 -15.52
C MET A 225 -7.65 0.85 -15.81
N GLN A 226 -8.68 1.59 -15.38
CA GLN A 226 -8.68 3.03 -15.62
C GLN A 226 -7.54 3.71 -14.87
N LEU A 227 -7.18 3.18 -13.69
CA LEU A 227 -6.08 3.77 -12.93
C LEU A 227 -4.76 3.55 -13.66
N LEU A 228 -4.57 2.37 -14.25
CA LEU A 228 -3.41 2.17 -15.10
C LEU A 228 -3.39 3.17 -16.25
N ARG A 229 -4.55 3.40 -16.88
CA ARG A 229 -4.64 4.36 -17.97
C ARG A 229 -4.32 5.77 -17.48
N ASP A 230 -4.84 6.14 -16.30
CA ASP A 230 -4.53 7.45 -15.75
C ASP A 230 -3.02 7.66 -15.63
N ASN A 231 -2.31 6.66 -15.11
CA ASN A 231 -0.86 6.78 -14.93
C ASN A 231 -0.15 6.86 -16.28
N LEU A 232 -0.55 6.03 -17.23
CA LEU A 232 0.06 6.08 -18.56
C LEU A 232 -0.13 7.45 -19.20
N THR A 233 -1.31 8.05 -19.03
CA THR A 233 -1.55 9.39 -19.57
C THR A 233 -0.70 10.43 -18.86
N LEU A 234 -0.46 10.25 -17.55
CA LEU A 234 0.38 11.19 -16.82
C LEU A 234 1.84 11.02 -17.20
N TRP A 235 2.27 9.79 -17.47
CA TRP A 235 3.69 9.48 -17.63
C TRP A 235 4.16 9.57 -19.07
N THR A 236 3.26 9.65 -20.04
CA THR A 236 3.65 9.65 -21.45
C THR A 236 3.13 10.91 -22.15
N LEU B 6 -0.24 15.66 -11.86
CA LEU B 6 -1.08 15.01 -10.86
C LEU B 6 -0.29 14.00 -10.05
N GLN B 7 -0.98 13.27 -9.17
CA GLN B 7 -0.37 12.23 -8.37
C GLN B 7 -0.51 10.88 -9.07
N ASN B 8 0.46 10.01 -8.82
CA ASN B 8 0.39 8.64 -9.32
C ASN B 8 -0.76 7.91 -8.64
N LYS B 9 -1.54 7.17 -9.43
CA LYS B 9 -2.61 6.37 -8.89
C LYS B 9 -2.07 5.05 -8.32
N SEP B 10 -2.49 4.71 -7.10
CA SEP B 10 -2.20 3.41 -6.52
CB SEP B 10 -1.11 3.51 -5.46
OG SEP B 10 -1.53 4.42 -4.47
C SEP B 10 -3.49 2.86 -5.91
O SEP B 10 -4.44 3.62 -5.72
P SEP B 10 -0.52 4.56 -3.21
O1P SEP B 10 -1.27 5.51 -2.15
O2P SEP B 10 0.85 5.26 -3.69
O3P SEP B 10 -0.22 3.13 -2.56
N MET B 11 -3.54 1.59 -5.54
N MET B 11 -3.50 1.56 -5.66
CA MET B 11 -4.71 1.10 -4.83
CA MET B 11 -4.64 0.85 -5.11
C MET B 11 -4.33 0.20 -3.67
C MET B 11 -4.36 0.41 -3.68
CA CA C . -3.15 -21.16 5.56
MG MG D . 8.10 18.51 16.71
MG MG E . 14.21 10.63 9.97
MG MG F . -12.71 -15.67 21.71
#